data_1EAS
#
_entry.id   1EAS
#
_cell.length_a   51.950
_cell.length_b   57.730
_cell.length_c   75.560
_cell.angle_alpha   90.00
_cell.angle_beta   90.00
_cell.angle_gamma   90.00
#
_symmetry.space_group_name_H-M   'P 21 21 21'
#
loop_
_entity.id
_entity.type
_entity.pdbx_description
1 polymer 'PORCINE PANCREATIC ELASTASE'
2 non-polymer 'SODIUM ION'
3 non-polymer 'SULFATE ION'
4 non-polymer '3-[[(METHYLAMINO)SULFONYL]AMINO]-2-OXO-6-PHENYL-N-[3,3,3-TRIFLUORO-1-(1-METHYLETHYL)-2-OXOPHENYL]-1(2H)-PYRIDINE ACETAMIDE'
5 water water
#
_entity_poly.entity_id   1
_entity_poly.type   'polypeptide(L)'
_entity_poly.pdbx_seq_one_letter_code
;VVGGTEAQRNSWPSQISLQYRSGSSWAHTCGGTLIRQNWVMTAAHCVDRELTFRVVVGEHNLNQNNGTEQYVGVQKIVVH
PYWNTDDVAAGYDIALLRLAQSVTLNSYVQLGVLPRAGTILANNSPCYITGWGLTRTNGQLAQTLQQAYLPTVDYAICSS
SSYWGSTVKNSMVCAGGDGVRSGCQGDSGGPLHCLVNGQYAVHGVTSFVSRLGCNVTRKPTVFTRVSAYISWINNVIASN
;
_entity_poly.pdbx_strand_id   A
#
loop_
_chem_comp.id
_chem_comp.type
_chem_comp.name
_chem_comp.formula
NA non-polymer 'SODIUM ION' 'Na 1'
SO4 non-polymer 'SULFATE ION' 'O4 S -2'
TFK non-polymer '3-[[(METHYLAMINO)SULFONYL]AMINO]-2-OXO-6-PHENYL-N-[3,3,3-TRIFLUORO-1-(1-METHYLETHYL)-2-OXOPHENYL]-1(2H)-PYRIDINE ACETAMIDE' 'C20 H23 F3 N4 O5 S'
#
# COMPACT_ATOMS: atom_id res chain seq x y z
N VAL A 1 -6.35 6.59 6.13
CA VAL A 1 -7.59 5.76 6.00
C VAL A 1 -8.77 6.54 6.57
N VAL A 2 -9.78 6.77 5.76
CA VAL A 2 -10.97 7.49 6.21
C VAL A 2 -12.00 6.43 6.65
N GLY A 3 -12.68 6.69 7.77
CA GLY A 3 -13.69 5.75 8.25
C GLY A 3 -13.16 4.42 8.77
N GLY A 4 -11.91 4.41 9.25
CA GLY A 4 -11.34 3.18 9.79
C GLY A 4 -11.34 3.12 11.31
N THR A 5 -10.61 2.15 11.84
CA THR A 5 -10.48 1.98 13.26
C THR A 5 -9.01 1.62 13.53
N GLU A 6 -8.50 1.96 14.72
CA GLU A 6 -7.13 1.63 15.05
C GLU A 6 -6.96 0.13 15.05
N ALA A 7 -5.92 -0.33 14.36
CA ALA A 7 -5.63 -1.75 14.29
C ALA A 7 -4.95 -2.21 15.59
N GLN A 8 -4.99 -3.50 15.86
CA GLN A 8 -4.34 -4.03 17.05
C GLN A 8 -2.84 -4.01 16.76
N ARG A 9 -2.06 -3.80 17.82
CA ARG A 9 -0.60 -3.74 17.75
C ARG A 9 0.18 -4.81 16.94
N ASN A 10 -0.42 -5.96 16.73
CA ASN A 10 0.28 -7.00 15.99
C ASN A 10 -0.62 -7.63 14.91
N SER A 11 -1.60 -6.84 14.45
CA SER A 11 -2.54 -7.33 13.43
C SER A 11 -2.02 -7.43 11.99
N TRP A 12 -1.22 -6.45 11.58
CA TRP A 12 -0.68 -6.40 10.22
C TRP A 12 0.84 -6.13 10.27
N PRO A 13 1.63 -7.16 10.63
CA PRO A 13 3.09 -7.14 10.77
C PRO A 13 3.88 -6.86 9.50
N SER A 14 3.25 -6.95 8.35
CA SER A 14 3.95 -6.70 7.09
C SER A 14 3.88 -5.24 6.66
N GLN A 15 3.02 -4.47 7.32
CA GLN A 15 2.87 -3.05 7.01
C GLN A 15 4.11 -2.28 7.46
N ILE A 16 4.63 -1.44 6.57
CA ILE A 16 5.77 -0.63 6.94
C ILE A 16 5.47 0.86 6.73
N SER A 17 6.26 1.71 7.37
CA SER A 17 6.14 3.15 7.19
C SER A 17 7.38 3.60 6.38
N LEU A 18 7.12 4.17 5.21
CA LEU A 18 8.16 4.71 4.33
C LEU A 18 8.29 6.21 4.70
N GLN A 19 9.47 6.59 5.17
CA GLN A 19 9.69 7.96 5.60
C GLN A 19 10.84 8.63 4.84
N TYR A 20 10.76 9.94 4.67
CA TYR A 20 11.84 10.64 3.98
C TYR A 20 12.37 11.66 4.96
N ARG A 21 13.65 11.99 4.82
CA ARG A 21 14.28 12.95 5.74
C ARG A 21 14.11 14.38 5.29
N SER A 22 13.48 15.18 6.13
CA SER A 22 13.28 16.60 5.85
C SER A 22 14.16 17.36 6.85
N GLY A 23 15.26 17.90 6.36
CA GLY A 23 16.18 18.63 7.23
C GLY A 23 16.99 17.67 8.08
N SER A 24 16.53 17.43 9.31
CA SER A 24 17.19 16.51 10.21
C SER A 24 16.15 15.51 10.67
N SER A 25 14.88 15.90 10.49
CA SER A 25 13.75 15.10 10.87
C SER A 25 13.28 14.16 9.78
N TRP A 26 12.52 13.15 10.18
CA TRP A 26 11.99 12.19 9.24
C TRP A 26 10.47 12.41 9.20
N ALA A 27 9.83 12.12 8.06
CA ALA A 27 8.40 12.31 7.96
C ALA A 27 7.79 11.19 7.16
N HIS A 28 6.73 10.59 7.70
CA HIS A 28 6.01 9.52 7.04
C HIS A 28 5.41 10.06 5.76
N THR A 29 5.54 9.31 4.67
CA THR A 29 5.02 9.76 3.39
C THR A 29 4.16 8.70 2.69
N CYS A 30 4.46 7.43 2.92
CA CYS A 30 3.73 6.35 2.30
C CYS A 30 3.80 5.06 3.11
N GLY A 31 2.99 4.09 2.71
CA GLY A 31 3.00 2.78 3.33
C GLY A 31 3.78 1.86 2.40
N GLY A 32 3.85 0.60 2.78
CA GLY A 32 4.56 -0.39 1.99
C GLY A 32 4.35 -1.75 2.64
N THR A 33 4.79 -2.82 1.99
CA THR A 33 4.64 -4.17 2.50
C THR A 33 6.00 -4.88 2.53
N LEU A 34 6.37 -5.46 3.67
CA LEU A 34 7.62 -6.20 3.76
C LEU A 34 7.40 -7.53 3.01
N ILE A 35 8.18 -7.80 1.97
CA ILE A 35 8.00 -9.04 1.22
C ILE A 35 9.21 -10.00 1.36
N ARG A 36 10.32 -9.47 1.83
CA ARG A 36 11.52 -10.27 2.07
C ARG A 36 12.11 -9.53 3.26
N GLN A 37 13.03 -10.18 3.95
CA GLN A 37 13.68 -9.55 5.10
C GLN A 37 14.47 -8.30 4.70
N ASN A 38 14.78 -8.16 3.41
CA ASN A 38 15.51 -7.01 2.91
C ASN A 38 14.87 -6.36 1.67
N TRP A 39 13.58 -6.63 1.44
CA TRP A 39 12.86 -6.05 0.31
C TRP A 39 11.48 -5.57 0.73
N VAL A 40 11.13 -4.37 0.30
CA VAL A 40 9.84 -3.76 0.59
C VAL A 40 9.17 -3.41 -0.75
N MET A 41 7.88 -3.67 -0.84
CA MET A 41 7.09 -3.36 -2.02
C MET A 41 6.25 -2.12 -1.69
N THR A 42 6.25 -1.13 -2.58
CA THR A 42 5.49 0.09 -2.38
C THR A 42 5.03 0.58 -3.76
N ALA A 43 4.43 1.78 -3.81
CA ALA A 43 3.96 2.36 -5.05
C ALA A 43 5.09 3.18 -5.67
N ALA A 44 5.20 3.15 -7.01
CA ALA A 44 6.23 3.91 -7.70
C ALA A 44 6.13 5.41 -7.42
N HIS A 45 4.91 5.94 -7.32
CA HIS A 45 4.71 7.38 -7.07
C HIS A 45 5.15 7.88 -5.68
N CYS A 46 5.58 6.96 -4.82
CA CYS A 46 6.07 7.31 -3.48
C CYS A 46 7.58 7.54 -3.50
N VAL A 47 8.27 6.86 -4.41
CA VAL A 47 9.74 6.93 -4.46
C VAL A 47 10.24 7.45 -5.81
N ASP A 48 9.53 8.45 -6.30
CA ASP A 48 9.78 9.11 -7.58
C ASP A 48 10.71 10.29 -7.53
N ARG A 49 10.91 10.85 -6.34
CA ARG A 49 11.81 11.97 -6.20
C ARG A 49 13.14 11.45 -5.60
N GLU A 50 14.18 12.26 -5.73
CA GLU A 50 15.51 11.91 -5.26
C GLU A 50 15.53 12.28 -3.80
N LEU A 51 14.73 11.59 -3.02
CA LEU A 51 14.64 11.88 -1.59
C LEU A 51 15.46 10.88 -0.80
N THR A 52 15.82 11.20 0.45
CA THR A 52 16.52 10.23 1.30
C THR A 52 15.43 9.50 2.09
N PHE A 53 15.35 8.19 1.90
CA PHE A 53 14.30 7.38 2.54
C PHE A 53 14.77 6.41 3.62
N ARG A 54 13.84 6.01 4.48
CA ARG A 54 14.08 4.97 5.47
C ARG A 54 12.77 4.24 5.64
N VAL A 55 12.87 2.99 6.07
CA VAL A 55 11.71 2.15 6.29
C VAL A 55 11.64 1.85 7.78
N VAL A 56 10.44 1.92 8.35
CA VAL A 56 10.28 1.61 9.76
C VAL A 56 9.35 0.42 9.85
N VAL A 57 9.85 -0.68 10.41
CA VAL A 57 9.05 -1.90 10.59
C VAL A 57 8.69 -2.04 12.08
N GLY A 58 7.62 -2.77 12.40
CA GLY A 58 7.21 -2.94 13.78
C GLY A 58 6.71 -1.63 14.38
N GLU A 59 6.16 -0.78 13.53
CA GLU A 59 5.66 0.53 13.91
C GLU A 59 4.16 0.51 14.17
N HIS A 60 3.71 1.23 15.20
CA HIS A 60 2.28 1.30 15.48
C HIS A 60 1.80 2.74 15.66
N ASN A 61 2.50 3.48 16.51
CA ASN A 61 2.15 4.86 16.78
C ASN A 61 3.25 5.68 16.18
N LEU A 62 2.94 6.45 15.13
CA LEU A 62 3.93 7.28 14.47
C LEU A 62 4.70 8.20 15.42
N ASN A 63 4.03 8.79 16.39
CA ASN A 63 4.69 9.70 17.32
C ASN A 63 5.43 9.02 18.48
N GLN A 64 4.71 8.24 19.28
CA GLN A 64 5.30 7.55 20.43
C GLN A 64 6.30 6.49 20.03
N ASN A 65 7.22 6.14 20.92
CA ASN A 65 8.13 5.06 20.60
C ASN A 65 7.48 3.84 21.23
N ASN A 66 7.00 2.96 20.37
CA ASN A 66 6.35 1.74 20.80
C ASN A 66 7.29 0.71 21.43
N GLY A 67 8.57 0.77 21.08
CA GLY A 67 9.53 -0.19 21.61
C GLY A 67 9.66 -1.45 20.76
N THR A 68 9.02 -1.49 19.59
CA THR A 68 9.06 -2.66 18.71
C THR A 68 9.57 -2.29 17.31
N GLU A 69 9.98 -1.04 17.14
CA GLU A 69 10.43 -0.52 15.86
C GLU A 69 11.86 -0.89 15.46
N GLN A 70 12.07 -1.00 14.15
CA GLN A 70 13.38 -1.25 13.57
C GLN A 70 13.42 -0.29 12.41
N TYR A 71 14.42 0.58 12.39
CA TYR A 71 14.56 1.55 11.33
C TYR A 71 15.72 1.13 10.44
N VAL A 72 15.47 0.98 9.14
CA VAL A 72 16.54 0.58 8.24
C VAL A 72 16.52 1.49 7.01
N GLY A 73 17.71 1.78 6.49
CA GLY A 73 17.81 2.65 5.34
C GLY A 73 17.49 1.89 4.07
N VAL A 74 17.19 2.65 3.03
CA VAL A 74 16.88 2.11 1.71
C VAL A 74 18.18 2.20 0.91
N GLN A 75 18.57 1.08 0.37
CA GLN A 75 19.79 0.96 -0.39
C GLN A 75 19.58 1.05 -1.90
N LYS A 76 18.53 0.40 -2.39
CA LYS A 76 18.28 0.40 -3.82
C LYS A 76 16.80 0.56 -4.09
N ILE A 77 16.45 1.36 -5.08
CA ILE A 77 15.04 1.58 -5.45
C ILE A 77 14.82 1.12 -6.89
N VAL A 78 13.95 0.14 -7.10
CA VAL A 78 13.66 -0.32 -8.45
C VAL A 78 12.18 -0.05 -8.76
N VAL A 79 11.94 1.00 -9.54
CA VAL A 79 10.59 1.37 -9.94
C VAL A 79 10.28 0.58 -11.21
N HIS A 80 9.01 0.23 -11.43
CA HIS A 80 8.69 -0.52 -12.65
C HIS A 80 9.15 0.31 -13.85
N PRO A 81 9.82 -0.33 -14.85
CA PRO A 81 10.33 0.34 -16.06
C PRO A 81 9.31 1.11 -16.89
N TYR A 82 8.05 0.69 -16.86
CA TYR A 82 7.00 1.37 -17.61
C TYR A 82 6.28 2.47 -16.86
N TRP A 83 6.67 2.69 -15.61
CA TRP A 83 6.05 3.73 -14.78
C TRP A 83 6.34 5.10 -15.34
N ASN A 84 5.31 5.92 -15.47
CA ASN A 84 5.46 7.26 -16.00
C ASN A 84 5.17 8.20 -14.82
N THR A 85 6.15 9.01 -14.42
CA THR A 85 5.96 9.90 -13.29
C THR A 85 4.60 10.60 -13.16
N ASP A 86 4.11 11.15 -14.25
CA ASP A 86 2.81 11.82 -14.25
C ASP A 86 1.69 10.81 -13.82
N ASP A 87 1.54 9.83 -14.72
CA ASP A 87 0.56 8.77 -14.75
C ASP A 87 0.12 7.73 -13.75
N VAL A 88 -0.72 8.14 -12.82
CA VAL A 88 -1.23 7.16 -11.89
C VAL A 88 -2.27 6.32 -12.68
N ALA A 89 -2.95 6.95 -13.65
CA ALA A 89 -3.97 6.25 -14.45
C ALA A 89 -3.43 5.22 -15.45
N ALA A 90 -2.22 5.44 -15.95
CA ALA A 90 -1.60 4.50 -16.90
C ALA A 90 -1.20 3.15 -16.29
N GLY A 91 -1.01 3.11 -14.98
CA GLY A 91 -0.65 1.87 -14.34
C GLY A 91 0.83 1.77 -14.02
N TYR A 92 1.27 0.55 -13.73
CA TYR A 92 2.66 0.25 -13.36
C TYR A 92 3.12 0.96 -12.11
N ASP A 93 2.16 1.32 -11.25
CA ASP A 93 2.48 2.00 -10.02
C ASP A 93 2.97 0.99 -8.97
N ILE A 94 4.22 0.56 -9.12
CA ILE A 94 4.82 -0.42 -8.22
C ILE A 94 6.34 -0.25 -8.21
N ALA A 95 6.93 -0.44 -7.05
CA ALA A 95 8.38 -0.31 -6.87
C ALA A 95 8.83 -1.25 -5.77
N LEU A 96 10.09 -1.66 -5.84
CA LEU A 96 10.68 -2.53 -4.84
C LEU A 96 11.89 -1.80 -4.27
N LEU A 97 11.99 -1.78 -2.94
CA LEU A 97 13.09 -1.13 -2.26
C LEU A 97 13.96 -2.17 -1.55
N ARG A 98 15.23 -2.21 -1.92
CA ARG A 98 16.16 -3.12 -1.28
C ARG A 98 16.65 -2.43 -0.01
N LEU A 99 16.45 -3.08 1.13
CA LEU A 99 16.86 -2.51 2.40
C LEU A 99 18.36 -2.64 2.62
N ALA A 100 18.92 -1.66 3.33
CA ALA A 100 20.35 -1.60 3.62
C ALA A 100 20.73 -2.73 4.56
N GLN A 101 19.78 -3.18 5.37
CA GLN A 101 20.02 -4.27 6.30
C GLN A 101 18.75 -5.11 6.44
N SER A 102 18.92 -6.43 6.56
CA SER A 102 17.81 -7.35 6.75
C SER A 102 17.19 -7.09 8.12
N VAL A 103 15.87 -7.14 8.21
CA VAL A 103 15.18 -6.91 9.47
C VAL A 103 14.98 -8.25 10.15
N THR A 104 14.75 -8.20 11.46
CA THR A 104 14.52 -9.37 12.29
C THR A 104 13.02 -9.61 12.35
N LEU A 105 12.62 -10.83 12.06
CA LEU A 105 11.21 -11.14 12.11
C LEU A 105 10.85 -11.54 13.54
N ASN A 106 9.65 -11.16 13.96
CA ASN A 106 9.11 -11.45 15.28
C ASN A 106 7.58 -11.32 15.15
N SER A 107 6.82 -11.10 16.22
CA SER A 107 5.36 -10.98 16.06
C SER A 107 4.86 -9.63 15.51
N TYR A 108 5.72 -8.62 15.53
CA TYR A 108 5.36 -7.27 15.05
C TYR A 108 5.87 -7.01 13.62
N VAL A 109 6.77 -7.89 13.16
CA VAL A 109 7.42 -7.81 11.86
C VAL A 109 7.39 -9.17 11.15
N GLN A 110 6.57 -9.29 10.12
CA GLN A 110 6.43 -10.53 9.37
C GLN A 110 6.39 -10.22 7.89
N LEU A 111 6.65 -11.21 7.05
CA LEU A 111 6.61 -11.00 5.61
C LEU A 111 5.17 -11.08 5.13
N GLY A 112 4.81 -10.29 4.13
CA GLY A 112 3.47 -10.34 3.60
C GLY A 112 3.38 -11.51 2.63
N VAL A 113 2.22 -12.14 2.52
CA VAL A 113 2.11 -13.25 1.58
C VAL A 113 1.54 -12.74 0.26
N LEU A 114 2.22 -13.05 -0.83
CA LEU A 114 1.80 -12.60 -2.15
C LEU A 114 0.89 -13.64 -2.80
N PRO A 115 -0.03 -13.17 -3.66
CA PRO A 115 -0.97 -14.07 -4.35
C PRO A 115 -0.26 -14.82 -5.48
N ARG A 116 -0.86 -15.93 -5.94
CA ARG A 116 -0.32 -16.66 -7.08
C ARG A 116 -0.58 -15.76 -8.29
N ALA A 117 0.32 -15.77 -9.26
CA ALA A 117 0.19 -14.93 -10.45
C ALA A 117 -1.15 -15.09 -11.18
N GLY A 118 -1.75 -13.98 -11.57
CA GLY A 118 -3.01 -14.01 -12.29
C GLY A 118 -4.28 -14.11 -11.46
N THR A 119 -4.14 -14.35 -10.17
CA THR A 119 -5.30 -14.47 -9.31
C THR A 119 -6.17 -13.21 -9.33
N ILE A 120 -7.45 -13.35 -9.66
CA ILE A 120 -8.39 -12.23 -9.69
C ILE A 120 -9.45 -12.57 -8.63
N LEU A 121 -9.81 -11.60 -7.81
CA LEU A 121 -10.80 -11.84 -6.77
C LEU A 121 -12.21 -11.58 -7.29
N ALA A 122 -13.17 -12.29 -6.72
CA ALA A 122 -14.56 -12.10 -7.13
C ALA A 122 -15.06 -10.80 -6.55
N ASN A 123 -16.15 -10.28 -7.12
CA ASN A 123 -16.72 -9.03 -6.63
C ASN A 123 -17.11 -9.16 -5.18
N ASN A 124 -16.95 -8.06 -4.45
CA ASN A 124 -17.24 -8.03 -3.04
C ASN A 124 -16.39 -8.96 -2.16
N SER A 125 -15.14 -9.19 -2.54
CA SER A 125 -14.27 -10.02 -1.71
C SER A 125 -13.85 -9.20 -0.49
N PRO A 126 -13.75 -9.85 0.68
CA PRO A 126 -13.36 -9.18 1.93
C PRO A 126 -11.87 -8.83 2.00
N CYS A 127 -11.59 -7.54 2.09
CA CYS A 127 -10.23 -7.02 2.13
C CYS A 127 -10.19 -5.87 3.11
N TYR A 128 -9.02 -5.57 3.64
CA TYR A 128 -8.83 -4.46 4.55
C TYR A 128 -7.68 -3.62 4.06
N ILE A 129 -7.84 -2.31 4.12
CA ILE A 129 -6.77 -1.40 3.78
C ILE A 129 -6.16 -0.95 5.12
N THR A 130 -4.85 -0.82 5.18
CA THR A 130 -4.20 -0.36 6.40
C THR A 130 -3.29 0.82 6.10
N GLY A 131 -3.11 1.71 7.07
CA GLY A 131 -2.26 2.86 6.87
C GLY A 131 -2.39 3.98 7.89
N TRP A 132 -1.45 4.92 7.82
CA TRP A 132 -1.43 6.09 8.69
C TRP A 132 -1.83 7.33 7.87
N GLY A 133 -2.42 7.13 6.70
CA GLY A 133 -2.80 8.24 5.85
C GLY A 133 -3.86 9.13 6.48
N LEU A 134 -4.24 10.20 5.80
CA LEU A 134 -5.25 11.13 6.32
C LEU A 134 -6.51 10.39 6.71
N THR A 135 -7.07 10.78 7.85
CA THR A 135 -8.29 10.18 8.36
C THR A 135 -9.51 10.93 7.86
N ARG A 136 -9.26 11.99 7.11
CA ARG A 136 -10.32 12.81 6.54
C ARG A 136 -9.74 13.57 5.34
N THR A 137 -10.55 13.79 4.30
CA THR A 137 -10.08 14.55 3.14
C THR A 137 -9.60 15.91 3.68
N ASN A 138 -8.36 16.27 3.33
CA ASN A 138 -7.73 17.52 3.79
C ASN A 138 -7.59 17.62 5.30
N GLY A 139 -7.51 16.45 5.96
CA GLY A 139 -7.33 16.38 7.39
C GLY A 139 -5.88 16.09 7.73
N GLN A 140 -5.62 15.35 8.79
CA GLN A 140 -4.24 15.06 9.14
C GLN A 140 -3.94 13.58 9.23
N LEU A 141 -2.64 13.24 9.28
CA LEU A 141 -2.21 11.84 9.37
C LEU A 141 -2.68 11.23 10.67
N ALA A 142 -2.89 9.91 10.64
CA ALA A 142 -3.30 9.17 11.82
C ALA A 142 -2.02 8.95 12.63
N GLN A 143 -2.14 9.08 13.94
CA GLN A 143 -1.01 8.83 14.81
C GLN A 143 -0.80 7.31 14.89
N THR A 144 -1.88 6.56 14.96
CA THR A 144 -1.83 5.12 15.08
C THR A 144 -2.37 4.41 13.82
N LEU A 145 -1.80 3.24 13.52
CA LEU A 145 -2.20 2.47 12.34
C LEU A 145 -3.70 2.23 12.31
N GLN A 146 -4.32 2.63 11.20
CA GLN A 146 -5.75 2.52 10.98
C GLN A 146 -6.04 1.39 10.01
N GLN A 147 -7.22 0.79 10.14
CA GLN A 147 -7.65 -0.27 9.22
C GLN A 147 -9.12 -0.04 8.84
N ALA A 148 -9.51 -0.47 7.65
CA ALA A 148 -10.89 -0.32 7.21
C ALA A 148 -11.27 -1.48 6.30
N TYR A 149 -12.52 -1.92 6.44
CA TYR A 149 -13.05 -3.01 5.65
C TYR A 149 -13.39 -2.40 4.30
N LEU A 150 -12.75 -2.90 3.27
CA LEU A 150 -12.92 -2.40 1.90
C LEU A 150 -13.05 -3.57 0.94
N PRO A 151 -14.28 -4.06 0.72
CA PRO A 151 -14.47 -5.19 -0.20
C PRO A 151 -14.22 -4.79 -1.65
N THR A 152 -13.82 -5.74 -2.48
CA THR A 152 -13.53 -5.46 -3.86
C THR A 152 -14.76 -5.13 -4.74
N VAL A 153 -14.50 -4.38 -5.80
CA VAL A 153 -15.51 -4.00 -6.79
C VAL A 153 -14.84 -4.54 -8.04
N ASP A 154 -15.41 -5.56 -8.65
CA ASP A 154 -14.74 -6.15 -9.78
C ASP A 154 -14.57 -5.18 -10.94
N TYR A 155 -13.56 -5.44 -11.75
CA TYR A 155 -13.24 -4.61 -12.89
C TYR A 155 -14.43 -4.20 -13.76
N ALA A 156 -15.32 -5.13 -14.10
CA ALA A 156 -16.47 -4.80 -14.94
C ALA A 156 -17.29 -3.61 -14.40
N ILE A 157 -17.53 -3.59 -13.10
CA ILE A 157 -18.29 -2.52 -12.48
C ILE A 157 -17.42 -1.29 -12.29
N CYS A 158 -16.18 -1.52 -11.87
CA CYS A 158 -15.28 -0.42 -11.62
C CYS A 158 -14.94 0.39 -12.86
N SER A 159 -14.77 -0.28 -13.98
CA SER A 159 -14.43 0.40 -15.23
C SER A 159 -15.69 0.91 -15.97
N SER A 160 -16.83 0.85 -15.31
CA SER A 160 -18.03 1.35 -15.94
C SER A 160 -18.00 2.89 -15.84
N SER A 161 -18.90 3.52 -16.58
CA SER A 161 -19.03 4.97 -16.64
C SER A 161 -19.28 5.67 -15.32
N SER A 162 -20.13 5.09 -14.50
CA SER A 162 -20.48 5.67 -13.21
C SER A 162 -19.48 5.44 -12.07
N TYR A 163 -18.42 4.71 -12.35
CA TYR A 163 -17.37 4.47 -11.36
C TYR A 163 -16.11 5.14 -11.88
N TRP A 164 -15.12 4.38 -12.30
CA TRP A 164 -13.89 4.95 -12.78
C TRP A 164 -13.71 5.03 -14.31
N GLY A 165 -14.53 4.30 -15.06
CA GLY A 165 -14.41 4.31 -16.51
C GLY A 165 -13.10 3.70 -16.98
N SER A 166 -12.49 4.30 -18.00
CA SER A 166 -11.24 3.78 -18.55
C SER A 166 -10.01 4.06 -17.70
N THR A 167 -10.17 4.93 -16.70
CA THR A 167 -9.07 5.27 -15.79
C THR A 167 -8.53 4.01 -15.13
N VAL A 168 -9.42 3.10 -14.75
CA VAL A 168 -9.02 1.85 -14.10
C VAL A 168 -8.75 0.79 -15.17
N LYS A 169 -7.61 0.11 -15.03
CA LYS A 169 -7.17 -0.92 -15.98
C LYS A 169 -7.28 -2.31 -15.37
N ASN A 170 -7.09 -3.32 -16.18
CA ASN A 170 -7.18 -4.69 -15.69
C ASN A 170 -6.07 -5.06 -14.70
N SER A 171 -5.00 -4.29 -14.68
CA SER A 171 -3.88 -4.55 -13.78
C SER A 171 -4.07 -3.80 -12.44
N MET A 172 -5.31 -3.40 -12.15
CA MET A 172 -5.62 -2.68 -10.92
C MET A 172 -6.76 -3.40 -10.20
N VAL A 173 -6.88 -3.14 -8.91
CA VAL A 173 -7.95 -3.69 -8.09
C VAL A 173 -8.70 -2.50 -7.49
N CYS A 174 -10.04 -2.55 -7.53
CA CYS A 174 -10.86 -1.50 -6.93
C CYS A 174 -11.43 -2.03 -5.61
N ALA A 175 -11.49 -1.19 -4.59
CA ALA A 175 -12.04 -1.61 -3.31
C ALA A 175 -12.68 -0.41 -2.62
N GLY A 176 -13.87 -0.63 -2.06
CA GLY A 176 -14.57 0.44 -1.36
C GLY A 176 -15.61 1.14 -2.24
N GLY A 177 -15.66 2.46 -2.11
CA GLY A 177 -16.59 3.24 -2.89
C GLY A 177 -17.92 3.50 -2.20
N ASP A 178 -18.03 3.14 -0.93
CA ASP A 178 -19.26 3.35 -0.19
C ASP A 178 -19.44 4.77 0.34
N GLY A 179 -18.48 5.65 0.06
CA GLY A 179 -18.57 7.00 0.54
C GLY A 179 -18.21 7.25 2.00
N VAL A 180 -17.92 6.19 2.75
CA VAL A 180 -17.55 6.32 4.16
C VAL A 180 -16.13 5.87 4.45
N ARG A 181 -15.73 4.77 3.84
CA ARG A 181 -14.37 4.23 4.02
C ARG A 181 -13.54 4.32 2.75
N SER A 182 -12.25 4.59 2.90
CA SER A 182 -11.35 4.66 1.76
C SER A 182 -9.93 4.93 2.21
N GLY A 183 -9.03 4.89 1.23
CA GLY A 183 -7.65 5.23 1.50
C GLY A 183 -7.61 6.73 1.37
N CYS A 184 -6.50 7.35 1.76
CA CYS A 184 -6.37 8.79 1.65
C CYS A 184 -4.87 9.07 1.72
N GLN A 185 -4.48 10.32 1.46
CA GLN A 185 -3.09 10.73 1.40
C GLN A 185 -2.23 10.20 2.53
N GLY A 186 -1.15 9.50 2.17
CA GLY A 186 -0.28 8.92 3.18
C GLY A 186 -0.46 7.41 3.26
N ASP A 187 -1.53 6.90 2.64
CA ASP A 187 -1.80 5.46 2.59
C ASP A 187 -1.16 4.82 1.36
N SER A 188 -0.86 5.66 0.36
CA SER A 188 -0.22 5.25 -0.89
C SER A 188 0.90 4.22 -0.67
N GLY A 189 0.99 3.22 -1.52
CA GLY A 189 2.03 2.22 -1.41
C GLY A 189 1.74 1.09 -0.44
N GLY A 190 0.83 1.35 0.50
CA GLY A 190 0.48 0.36 1.49
C GLY A 190 -0.28 -0.83 0.94
N PRO A 191 -0.52 -1.82 1.79
CA PRO A 191 -1.24 -3.04 1.40
C PRO A 191 -2.76 -3.04 1.40
N LEU A 192 -3.31 -3.92 0.57
CA LEU A 192 -4.73 -4.20 0.55
C LEU A 192 -4.66 -5.68 0.91
N HIS A 193 -5.06 -6.01 2.14
CA HIS A 193 -5.02 -7.39 2.64
C HIS A 193 -6.37 -8.05 2.35
N CYS A 194 -6.36 -9.17 1.62
CA CYS A 194 -7.59 -9.87 1.29
C CYS A 194 -7.60 -11.32 1.79
N LEU A 195 -8.71 -11.71 2.39
CA LEU A 195 -8.86 -13.08 2.90
C LEU A 195 -9.17 -14.07 1.78
N VAL A 196 -8.20 -14.95 1.52
CA VAL A 196 -8.32 -15.97 0.49
C VAL A 196 -7.86 -17.29 1.09
N ASN A 197 -8.75 -18.28 1.03
CA ASN A 197 -8.50 -19.62 1.55
C ASN A 197 -8.04 -19.63 2.98
N GLY A 198 -8.66 -18.77 3.79
CA GLY A 198 -8.35 -18.68 5.20
C GLY A 198 -7.08 -17.93 5.54
N GLN A 199 -6.46 -17.33 4.53
CA GLN A 199 -5.21 -16.61 4.71
C GLN A 199 -5.29 -15.20 4.12
N TYR A 200 -4.79 -14.21 4.86
CA TYR A 200 -4.75 -12.82 4.37
C TYR A 200 -3.53 -12.68 3.48
N ALA A 201 -3.78 -12.30 2.23
CA ALA A 201 -2.72 -12.15 1.27
C ALA A 201 -2.78 -10.73 0.75
N VAL A 202 -1.63 -10.17 0.41
CA VAL A 202 -1.56 -8.79 -0.07
C VAL A 202 -1.90 -8.76 -1.55
N HIS A 203 -3.12 -8.34 -1.87
CA HIS A 203 -3.61 -8.26 -3.23
C HIS A 203 -3.44 -6.92 -3.96
N GLY A 204 -3.10 -5.89 -3.20
CA GLY A 204 -2.95 -4.62 -3.86
C GLY A 204 -2.02 -3.67 -3.17
N VAL A 205 -1.48 -2.74 -3.95
CA VAL A 205 -0.59 -1.68 -3.49
C VAL A 205 -1.44 -0.42 -3.72
N THR A 206 -1.78 0.28 -2.64
CA THR A 206 -2.61 1.47 -2.71
C THR A 206 -2.07 2.50 -3.71
N SER A 207 -2.89 2.84 -4.70
CA SER A 207 -2.45 3.78 -5.73
C SER A 207 -3.13 5.15 -5.73
N PHE A 208 -4.43 5.17 -5.99
CA PHE A 208 -5.10 6.46 -6.08
C PHE A 208 -6.57 6.47 -5.68
N VAL A 209 -7.07 7.69 -5.48
CA VAL A 209 -8.45 7.95 -5.14
C VAL A 209 -8.82 9.17 -5.97
N SER A 210 -10.06 9.63 -5.85
CA SER A 210 -10.50 10.80 -6.58
C SER A 210 -9.88 12.05 -5.96
N ARG A 211 -9.28 12.89 -6.79
CA ARG A 211 -8.71 14.12 -6.26
C ARG A 211 -9.84 15.04 -5.73
N LEU A 212 -11.09 14.68 -6.00
CA LEU A 212 -12.24 15.46 -5.52
C LEU A 212 -12.54 15.14 -4.03
N GLY A 213 -11.99 14.02 -3.55
CA GLY A 213 -12.18 13.61 -2.17
C GLY A 213 -11.76 12.16 -2.01
N CYS A 214 -11.29 11.81 -0.82
CA CYS A 214 -10.89 10.45 -0.54
C CYS A 214 -12.08 9.47 -0.52
N ASN A 215 -13.05 9.74 0.35
CA ASN A 215 -14.23 8.88 0.45
C ASN A 215 -15.37 9.41 -0.41
N VAL A 216 -15.25 9.21 -1.71
CA VAL A 216 -16.25 9.66 -2.65
C VAL A 216 -17.06 8.42 -3.08
N THR A 217 -18.37 8.50 -3.01
CA THR A 217 -19.22 7.37 -3.39
C THR A 217 -19.02 7.04 -4.89
N ARG A 218 -18.93 5.76 -5.23
CA ARG A 218 -18.73 5.34 -6.62
C ARG A 218 -17.32 5.64 -7.14
N LYS A 219 -16.42 6.04 -6.23
CA LYS A 219 -15.02 6.28 -6.57
C LYS A 219 -14.20 5.44 -5.59
N PRO A 220 -14.24 4.12 -5.75
CA PRO A 220 -13.47 3.28 -4.83
C PRO A 220 -11.97 3.54 -4.89
N THR A 221 -11.27 3.14 -3.83
CA THR A 221 -9.83 3.29 -3.80
C THR A 221 -9.28 2.29 -4.83
N VAL A 222 -8.27 2.71 -5.59
CA VAL A 222 -7.69 1.85 -6.62
C VAL A 222 -6.27 1.46 -6.23
N PHE A 223 -5.96 0.20 -6.44
CA PHE A 223 -4.70 -0.37 -6.06
C PHE A 223 -4.05 -1.03 -7.24
N THR A 224 -2.74 -1.15 -7.21
CA THR A 224 -2.03 -1.87 -8.26
C THR A 224 -2.31 -3.37 -7.96
N ARG A 225 -2.74 -4.15 -8.96
CA ARG A 225 -2.98 -5.57 -8.74
C ARG A 225 -1.65 -6.35 -8.67
N VAL A 226 -1.30 -6.76 -7.45
CA VAL A 226 -0.07 -7.50 -7.19
C VAL A 226 0.09 -8.76 -8.02
N SER A 227 -0.99 -9.50 -8.19
CA SER A 227 -0.93 -10.75 -8.92
C SER A 227 -0.57 -10.55 -10.39
N ALA A 228 -0.64 -9.33 -10.90
CA ALA A 228 -0.29 -9.08 -12.28
C ALA A 228 1.20 -8.83 -12.39
N TYR A 229 1.88 -8.66 -11.25
CA TYR A 229 3.31 -8.35 -11.23
C TYR A 229 4.25 -9.37 -10.53
N ILE A 230 3.77 -10.61 -10.36
CA ILE A 230 4.53 -11.64 -9.69
C ILE A 230 5.85 -11.96 -10.40
N SER A 231 5.80 -12.12 -11.73
CA SER A 231 7.02 -12.38 -12.52
C SER A 231 8.03 -11.23 -12.45
N TRP A 232 7.54 -9.99 -12.49
CA TRP A 232 8.40 -8.82 -12.40
C TRP A 232 9.07 -8.80 -11.03
N ILE A 233 8.27 -8.98 -9.98
CA ILE A 233 8.78 -8.99 -8.61
C ILE A 233 9.86 -10.05 -8.43
N ASN A 234 9.58 -11.28 -8.83
CA ASN A 234 10.60 -12.33 -8.70
C ASN A 234 11.85 -12.08 -9.53
N ASN A 235 11.69 -11.51 -10.72
CA ASN A 235 12.84 -11.20 -11.58
C ASN A 235 13.72 -10.17 -10.91
N VAL A 236 13.10 -9.10 -10.43
CA VAL A 236 13.87 -8.05 -9.77
C VAL A 236 14.67 -8.61 -8.63
N ILE A 237 13.99 -9.29 -7.71
CA ILE A 237 14.63 -9.86 -6.55
C ILE A 237 15.74 -10.88 -6.90
N ALA A 238 15.50 -11.73 -7.89
CA ALA A 238 16.49 -12.72 -8.29
C ALA A 238 17.74 -12.03 -8.85
N SER A 239 17.55 -10.89 -9.50
CA SER A 239 18.64 -10.15 -10.11
C SER A 239 19.46 -9.17 -9.30
N ASN A 240 19.04 -8.82 -8.10
CA ASN A 240 19.81 -7.87 -7.28
C ASN A 240 19.45 -7.88 -5.79
NA NA B . 6.35 4.42 17.14
S SO4 C . -2.60 -11.42 -15.34
O1 SO4 C . -3.18 -12.73 -15.64
O2 SO4 C . -2.40 -11.29 -13.90
O3 SO4 C . -3.50 -10.37 -15.83
O4 SO4 C . -1.28 -11.32 -15.99
S SO4 D . -6.33 6.86 -18.95
O1 SO4 D . -6.76 6.78 -20.38
O2 SO4 D . -7.32 6.11 -18.15
O3 SO4 D . -4.98 6.26 -18.82
O4 SO4 D . -6.25 8.26 -18.42
S SO4 E . -3.39 15.41 -12.02
O1 SO4 E . -2.00 15.07 -12.47
O2 SO4 E . -4.34 14.34 -12.42
O3 SO4 E . -3.36 15.54 -10.54
O4 SO4 E . -3.86 16.68 -12.67
C1 TFK F . 0.06 9.58 -1.75
C2 TFK F . -1.00 8.48 -1.51
C3 TFK F . -2.38 8.83 -2.10
C4 TFK F . -3.64 8.12 -1.58
C5 TFK F . -4.92 8.85 -1.89
C6 TFK F . -3.72 6.66 -1.98
C7 TFK F . -2.40 9.73 -4.41
C8 TFK F . -2.11 9.38 -5.87
C9 TFK F . -4.09 10.41 -6.97
C10 TFK F . -4.61 11.19 -8.08
C11 TFK F . -3.75 11.94 -8.83
C12 TFK F . -2.37 11.97 -8.53
C13 TFK F . -1.81 11.24 -7.52
C14 TFK F . -0.34 11.27 -7.23
C15 TFK F . 0.13 11.64 -5.96
C16 TFK F . 1.48 11.72 -5.73
C17 TFK F . 2.37 11.54 -6.75
C18 TFK F . 1.92 11.27 -8.03
C19 TFK F . 0.57 11.10 -8.27
C20 TFK F . -7.14 9.41 -11.15
N1 TFK F . -2.28 8.71 -3.57
N2 TFK F . -2.69 10.38 -6.79
N3 TFK F . -6.00 11.06 -8.31
N4 TFK F . -6.33 10.59 -10.76
O1 TFK F . -1.08 8.29 -0.15
O2 TFK F . -2.79 10.84 -4.08
O3 TFK F . -4.85 9.75 -6.26
O4 TFK F . -8.16 11.39 -9.36
O5 TFK F . -6.34 12.92 -9.85
F1 TFK F . 0.24 9.84 -3.03
F2 TFK F . 1.26 9.27 -1.28
F3 TFK F . -0.28 10.72 -1.16
S1 TFK F . -6.80 11.62 -9.59
#